data_1MKM
#
_entry.id   1MKM
#
_cell.length_a   115.229
_cell.length_b   61.076
_cell.length_c   95.911
_cell.angle_alpha   90.00
_cell.angle_beta   110.51
_cell.angle_gamma   90.00
#
_symmetry.space_group_name_H-M   'C 1 2 1'
#
loop_
_entity.id
_entity.type
_entity.pdbx_description
1 polymer 'IclR transcriptional regulator'
2 non-polymer 'ZINC ION'
3 non-polymer 'FORMIC ACID'
4 water water
#
_entity_poly.entity_id   1
_entity_poly.type   'polypeptide(L)'
_entity_poly.pdbx_seq_one_letter_code
;GSHMNTLKKAFEILDFIVKNPGDVSVSEIAEKFNMSVSNAYKYMVVLEEKGFVLRKKDKRYVPGYKLIEYGSFVLRRFNI
RDIAHDHLVDIMKRTGETVHLILKDGFEGVYIDKVEGEQSIPMVSRLGMKVDLYSTASGKSILAFVPEKELKEYLKIVEL
KPKTPNTITNPRVLKRELEKIRKRGYAVDNEENEIGIMCVGVPIFDHNGYPVAGVSISGVARKFTEEKIEEYSDVLKEKA
EEISRKLGY
;
_entity_poly.pdbx_strand_id   A,B
#
loop_
_chem_comp.id
_chem_comp.type
_chem_comp.name
_chem_comp.formula
FMT non-polymer 'FORMIC ACID' 'C H2 O2'
ZN non-polymer 'ZINC ION' 'Zn 2'
#
# COMPACT_ATOMS: atom_id res chain seq x y z
N MET A 4 19.94 -21.49 18.15
CA MET A 4 20.00 -20.68 16.90
C MET A 4 18.83 -19.70 16.79
N ASN A 5 18.00 -19.65 17.82
CA ASN A 5 16.87 -18.74 17.81
C ASN A 5 17.19 -17.32 18.29
N THR A 6 18.10 -16.69 17.55
CA THR A 6 18.51 -15.31 17.78
C THR A 6 17.64 -14.62 16.73
N LEU A 7 17.06 -15.45 15.87
CA LEU A 7 16.16 -15.00 14.81
C LEU A 7 15.01 -14.30 15.54
N LYS A 8 14.79 -14.72 16.77
CA LYS A 8 13.74 -14.18 17.62
C LYS A 8 14.06 -12.76 18.01
N LYS A 9 15.20 -12.55 18.66
CA LYS A 9 15.59 -11.20 19.07
C LYS A 9 15.66 -10.28 17.87
N ALA A 10 16.14 -10.80 16.74
CA ALA A 10 16.27 -10.00 15.55
C ALA A 10 14.96 -9.34 15.16
N PHE A 11 13.96 -10.15 14.80
CA PHE A 11 12.68 -9.57 14.39
C PHE A 11 12.02 -8.82 15.54
N GLU A 12 12.35 -9.24 16.76
CA GLU A 12 11.83 -8.63 17.97
C GLU A 12 12.36 -7.19 18.12
N ILE A 13 13.63 -7.00 17.76
CA ILE A 13 14.25 -5.69 17.83
C ILE A 13 13.74 -4.89 16.65
N LEU A 14 13.53 -5.57 15.53
CA LEU A 14 13.03 -4.91 14.34
C LEU A 14 11.63 -4.40 14.64
N ASP A 15 10.82 -5.24 15.29
CA ASP A 15 9.45 -4.87 15.63
C ASP A 15 9.42 -3.65 16.52
N PHE A 16 10.30 -3.61 17.51
CA PHE A 16 10.34 -2.46 18.41
C PHE A 16 10.62 -1.15 17.67
N ILE A 17 11.61 -1.19 16.79
CA ILE A 17 11.98 0.00 16.05
C ILE A 17 10.86 0.50 15.15
N VAL A 18 10.27 -0.39 14.37
CA VAL A 18 9.20 -0.02 13.47
C VAL A 18 8.01 0.58 14.21
N LYS A 19 7.71 0.06 15.39
CA LYS A 19 6.56 0.53 16.16
C LYS A 19 6.87 1.67 17.13
N ASN A 20 8.13 2.08 17.14
CA ASN A 20 8.57 3.17 18.01
C ASN A 20 8.54 4.45 17.24
N PRO A 21 7.74 5.42 17.72
CA PRO A 21 7.59 6.74 17.08
C PRO A 21 8.87 7.54 17.04
N GLY A 22 9.70 7.39 18.08
CA GLY A 22 10.96 8.08 18.13
C GLY A 22 12.09 7.20 17.61
N ASP A 23 13.25 7.30 18.24
CA ASP A 23 14.41 6.53 17.82
C ASP A 23 15.02 5.73 18.97
N VAL A 24 16.15 5.08 18.70
CA VAL A 24 16.83 4.28 19.70
C VAL A 24 18.29 4.09 19.30
N SER A 25 19.16 4.05 20.30
CA SER A 25 20.58 3.84 20.04
C SER A 25 20.91 2.38 20.30
N VAL A 26 22.04 1.93 19.77
CA VAL A 26 22.46 0.55 19.95
C VAL A 26 22.48 0.16 21.41
N SER A 27 23.06 1.01 22.25
CA SER A 27 23.15 0.73 23.67
C SER A 27 21.76 0.56 24.30
N GLU A 28 20.81 1.39 23.86
CA GLU A 28 19.44 1.28 24.39
C GLU A 28 18.80 -0.05 23.98
N ILE A 29 19.08 -0.52 22.76
CA ILE A 29 18.52 -1.79 22.31
C ILE A 29 19.15 -2.90 23.15
N ALA A 30 20.43 -2.74 23.47
CA ALA A 30 21.17 -3.70 24.28
C ALA A 30 20.55 -3.79 25.66
N GLU A 31 20.41 -2.66 26.34
CA GLU A 31 19.82 -2.61 27.66
C GLU A 31 18.40 -3.22 27.65
N LYS A 32 17.53 -2.70 26.79
CA LYS A 32 16.16 -3.19 26.69
C LYS A 32 16.03 -4.68 26.37
N PHE A 33 16.80 -5.19 25.41
CA PHE A 33 16.69 -6.60 25.08
C PHE A 33 17.69 -7.52 25.78
N ASN A 34 18.27 -7.04 26.88
CA ASN A 34 19.22 -7.80 27.71
C ASN A 34 20.42 -8.46 27.01
N MET A 35 21.30 -7.68 26.41
CA MET A 35 22.48 -8.23 25.75
C MET A 35 23.66 -7.27 25.78
N SER A 36 24.84 -7.78 25.45
CA SER A 36 26.03 -6.95 25.42
C SER A 36 25.90 -5.94 24.28
N VAL A 37 26.57 -4.80 24.42
CA VAL A 37 26.53 -3.76 23.41
C VAL A 37 27.13 -4.28 22.10
N SER A 38 27.97 -5.30 22.20
CA SER A 38 28.60 -5.87 21.02
C SER A 38 27.65 -6.77 20.23
N ASN A 39 26.79 -7.49 20.93
CA ASN A 39 25.82 -8.38 20.28
C ASN A 39 24.70 -7.55 19.63
N ALA A 40 24.25 -6.52 20.34
CA ALA A 40 23.21 -5.64 19.80
C ALA A 40 23.77 -4.95 18.54
N TYR A 41 25.05 -4.58 18.57
CA TYR A 41 25.61 -3.96 17.37
C TYR A 41 25.52 -4.94 16.21
N LYS A 42 25.41 -6.23 16.53
CA LYS A 42 25.32 -7.28 15.49
C LYS A 42 23.95 -7.30 14.83
N TYR A 43 22.91 -7.28 15.66
CA TYR A 43 21.56 -7.26 15.14
C TYR A 43 21.44 -5.97 14.35
N MET A 44 21.95 -4.88 14.93
CA MET A 44 21.87 -3.57 14.29
C MET A 44 22.72 -3.44 13.03
N VAL A 45 23.86 -4.10 12.98
CA VAL A 45 24.70 -3.99 11.81
C VAL A 45 24.03 -4.64 10.60
N VAL A 46 23.35 -5.75 10.85
CA VAL A 46 22.67 -6.50 9.79
C VAL A 46 21.36 -5.79 9.35
N LEU A 47 20.53 -5.38 10.30
CA LEU A 47 19.30 -4.68 9.97
C LEU A 47 19.62 -3.44 9.16
N GLU A 48 20.68 -2.72 9.52
CA GLU A 48 21.04 -1.54 8.75
C GLU A 48 21.51 -2.02 7.39
N GLU A 49 22.28 -3.11 7.41
CA GLU A 49 22.81 -3.71 6.19
C GLU A 49 21.71 -3.91 5.14
N LYS A 50 20.69 -4.68 5.50
CA LYS A 50 19.58 -4.98 4.60
C LYS A 50 18.63 -3.78 4.40
N GLY A 51 18.97 -2.66 5.02
CA GLY A 51 18.16 -1.47 4.83
C GLY A 51 16.87 -1.39 5.61
N PHE A 52 16.64 -2.32 6.53
CA PHE A 52 15.43 -2.33 7.33
C PHE A 52 15.54 -1.31 8.43
N VAL A 53 16.72 -0.70 8.54
CA VAL A 53 16.97 0.30 9.57
C VAL A 53 17.88 1.39 9.01
N LEU A 54 17.72 2.60 9.56
CA LEU A 54 18.52 3.75 9.13
C LEU A 54 19.16 4.42 10.32
N ARG A 55 20.45 4.74 10.21
CA ARG A 55 21.09 5.40 11.33
C ARG A 55 21.22 6.88 11.02
N LYS A 56 20.63 7.70 11.88
CA LYS A 56 20.65 9.14 11.73
C LYS A 56 22.00 9.75 12.12
N LYS A 57 22.25 10.98 11.73
CA LYS A 57 23.51 11.65 12.05
C LYS A 57 23.87 11.55 13.55
N ASP A 58 22.87 11.71 14.41
CA ASP A 58 23.10 11.65 15.85
C ASP A 58 23.26 10.20 16.36
N LYS A 59 23.46 9.29 15.41
CA LYS A 59 23.66 7.86 15.69
C LYS A 59 22.43 7.04 16.09
N ARG A 60 21.37 7.69 16.56
CA ARG A 60 20.14 6.99 16.93
C ARG A 60 19.55 6.34 15.68
N TYR A 61 18.87 5.21 15.85
CA TYR A 61 18.26 4.51 14.73
C TYR A 61 16.75 4.70 14.57
N VAL A 62 16.31 4.61 13.33
CA VAL A 62 14.92 4.78 13.00
C VAL A 62 14.62 3.75 11.90
N PRO A 63 13.35 3.39 11.67
CA PRO A 63 13.08 2.40 10.61
C PRO A 63 13.51 2.84 9.21
N GLY A 64 13.90 1.85 8.39
CA GLY A 64 14.37 2.08 7.03
C GLY A 64 13.34 2.05 5.90
N TYR A 65 13.72 2.62 4.76
CA TYR A 65 12.88 2.73 3.59
C TYR A 65 12.53 1.40 2.96
N LYS A 66 13.41 0.42 3.15
CA LYS A 66 13.18 -0.91 2.61
C LYS A 66 11.87 -1.52 3.08
N LEU A 67 11.46 -1.23 4.32
CA LEU A 67 10.20 -1.74 4.84
C LEU A 67 9.03 -1.23 4.00
N ILE A 68 9.18 -0.04 3.43
CA ILE A 68 8.13 0.49 2.58
C ILE A 68 8.24 -0.23 1.26
N GLU A 69 9.47 -0.38 0.77
CA GLU A 69 9.67 -1.06 -0.51
C GLU A 69 9.05 -2.45 -0.50
N TYR A 70 9.33 -3.20 0.57
CA TYR A 70 8.80 -4.55 0.74
C TYR A 70 7.29 -4.52 0.97
N GLY A 71 6.86 -3.55 1.78
CA GLY A 71 5.45 -3.43 2.10
C GLY A 71 4.57 -3.29 0.87
N SER A 72 4.89 -2.31 0.05
CA SER A 72 4.10 -2.06 -1.14
C SER A 72 4.24 -3.16 -2.15
N PHE A 73 5.43 -3.74 -2.23
CA PHE A 73 5.61 -4.81 -3.20
C PHE A 73 4.78 -6.02 -2.84
N VAL A 74 4.62 -6.25 -1.54
CA VAL A 74 3.85 -7.39 -1.08
C VAL A 74 2.35 -7.11 -1.23
N LEU A 75 1.92 -5.94 -0.76
CA LEU A 75 0.50 -5.55 -0.84
C LEU A 75 0.03 -5.66 -2.27
N ARG A 76 0.85 -5.17 -3.18
CA ARG A 76 0.51 -5.18 -4.60
C ARG A 76 0.22 -6.54 -5.14
N ARG A 77 0.83 -7.57 -4.56
CA ARG A 77 0.57 -8.89 -5.10
C ARG A 77 -0.14 -9.80 -4.13
N PHE A 78 -0.65 -9.23 -3.04
CA PHE A 78 -1.34 -10.04 -2.06
C PHE A 78 -2.63 -10.52 -2.72
N ASN A 79 -3.01 -11.77 -2.50
CA ASN A 79 -4.23 -12.31 -3.12
C ASN A 79 -5.24 -12.77 -2.07
N ILE A 80 -6.19 -11.92 -1.73
CA ILE A 80 -7.21 -12.26 -0.73
C ILE A 80 -7.98 -13.50 -1.20
N ARG A 81 -8.17 -13.61 -2.51
CA ARG A 81 -8.89 -14.75 -3.10
C ARG A 81 -8.20 -16.10 -2.83
N ASP A 82 -6.90 -16.19 -3.08
CA ASP A 82 -6.16 -17.43 -2.84
C ASP A 82 -6.17 -17.75 -1.33
N ILE A 83 -6.29 -16.71 -0.52
CA ILE A 83 -6.32 -16.83 0.94
C ILE A 83 -7.70 -17.24 1.46
N ALA A 84 -8.75 -16.69 0.88
CA ALA A 84 -10.10 -16.96 1.33
C ALA A 84 -10.85 -18.11 0.68
N HIS A 85 -10.57 -18.38 -0.59
CA HIS A 85 -11.27 -19.42 -1.32
C HIS A 85 -11.78 -20.65 -0.58
N ASP A 86 -10.89 -21.38 0.06
CA ASP A 86 -11.32 -22.56 0.81
C ASP A 86 -12.35 -22.21 1.86
N HIS A 87 -12.17 -21.08 2.53
CA HIS A 87 -13.17 -20.68 3.52
C HIS A 87 -14.49 -20.51 2.76
N LEU A 88 -14.43 -19.89 1.58
CA LEU A 88 -15.62 -19.70 0.78
C LEU A 88 -16.27 -21.05 0.48
N VAL A 89 -15.48 -21.99 -0.04
CA VAL A 89 -15.98 -23.33 -0.33
C VAL A 89 -16.66 -23.84 0.93
N ASP A 90 -15.98 -23.66 2.06
CA ASP A 90 -16.52 -24.09 3.33
C ASP A 90 -17.89 -23.45 3.59
N ILE A 91 -17.98 -22.13 3.42
CA ILE A 91 -19.23 -21.42 3.65
C ILE A 91 -20.37 -22.08 2.86
N MET A 92 -20.01 -22.66 1.73
CA MET A 92 -20.97 -23.33 0.87
C MET A 92 -21.32 -24.74 1.35
N LYS A 93 -20.48 -25.32 2.21
CA LYS A 93 -20.78 -26.66 2.69
C LYS A 93 -21.69 -26.64 3.90
N ARG A 94 -21.77 -25.49 4.56
CA ARG A 94 -22.60 -25.35 5.74
C ARG A 94 -23.85 -24.53 5.49
N THR A 95 -24.12 -24.19 4.23
CA THR A 95 -25.32 -23.42 3.90
C THR A 95 -25.93 -23.79 2.55
N GLY A 96 -25.16 -24.46 1.71
CA GLY A 96 -25.68 -24.87 0.41
C GLY A 96 -26.14 -23.73 -0.50
N GLU A 97 -25.93 -22.49 -0.07
CA GLU A 97 -26.32 -21.33 -0.86
C GLU A 97 -25.08 -20.74 -1.53
N THR A 98 -25.19 -20.33 -2.80
CA THR A 98 -24.04 -19.75 -3.50
C THR A 98 -23.36 -18.71 -2.61
N VAL A 99 -22.05 -18.54 -2.77
CA VAL A 99 -21.32 -17.56 -1.97
C VAL A 99 -20.43 -16.68 -2.84
N HIS A 100 -20.35 -15.38 -2.50
CA HIS A 100 -19.50 -14.47 -3.25
C HIS A 100 -18.49 -13.75 -2.36
N LEU A 101 -17.39 -13.34 -2.98
CA LEU A 101 -16.35 -12.58 -2.31
C LEU A 101 -16.23 -11.32 -3.15
N ILE A 102 -16.40 -10.14 -2.55
CA ILE A 102 -16.29 -8.89 -3.30
C ILE A 102 -15.13 -8.03 -2.82
N LEU A 103 -14.33 -7.57 -3.77
CA LEU A 103 -13.18 -6.74 -3.46
C LEU A 103 -13.59 -5.28 -3.68
N LYS A 104 -13.12 -4.38 -2.82
CA LYS A 104 -13.44 -2.97 -2.96
C LYS A 104 -12.48 -2.32 -3.95
N ASP A 105 -13.04 -1.62 -4.93
CA ASP A 105 -12.23 -0.95 -5.95
C ASP A 105 -12.67 0.51 -6.01
N GLY A 106 -12.47 1.22 -4.92
CA GLY A 106 -12.88 2.61 -4.85
C GLY A 106 -14.31 2.68 -4.34
N PHE A 107 -15.21 3.09 -5.22
CA PHE A 107 -16.62 3.19 -4.86
C PHE A 107 -17.43 2.08 -5.55
N GLU A 108 -16.72 1.09 -6.06
CA GLU A 108 -17.34 -0.05 -6.73
C GLU A 108 -16.74 -1.30 -6.11
N GLY A 109 -17.39 -2.44 -6.33
CA GLY A 109 -16.88 -3.68 -5.79
C GLY A 109 -16.58 -4.63 -6.93
N VAL A 110 -15.58 -5.49 -6.78
CA VAL A 110 -15.25 -6.46 -7.84
C VAL A 110 -15.44 -7.88 -7.29
N TYR A 111 -16.14 -8.71 -8.06
CA TYR A 111 -16.38 -10.11 -7.72
C TYR A 111 -15.07 -10.86 -7.96
N ILE A 112 -14.35 -11.17 -6.89
CA ILE A 112 -13.10 -11.88 -7.03
C ILE A 112 -13.23 -13.40 -6.87
N ASP A 113 -14.41 -13.87 -6.50
CA ASP A 113 -14.67 -15.32 -6.36
C ASP A 113 -16.12 -15.67 -6.00
N LYS A 114 -16.52 -16.88 -6.41
CA LYS A 114 -17.88 -17.34 -6.16
C LYS A 114 -18.01 -18.87 -6.16
N VAL A 115 -18.48 -19.41 -5.03
CA VAL A 115 -18.69 -20.85 -4.89
C VAL A 115 -20.20 -21.15 -4.90
N GLU A 116 -20.72 -21.67 -6.00
CA GLU A 116 -22.14 -21.99 -6.05
C GLU A 116 -22.33 -23.52 -6.00
N GLY A 117 -23.37 -23.97 -5.31
CA GLY A 117 -23.62 -25.40 -5.23
C GLY A 117 -24.63 -25.89 -6.22
N GLU A 118 -24.72 -27.21 -6.41
CA GLU A 118 -25.68 -27.79 -7.34
C GLU A 118 -27.11 -27.39 -6.96
N GLN A 119 -27.34 -27.25 -5.67
CA GLN A 119 -28.64 -26.89 -5.12
C GLN A 119 -28.92 -25.41 -5.08
N SER A 120 -27.88 -24.60 -5.23
CA SER A 120 -28.03 -23.15 -5.18
C SER A 120 -28.58 -22.51 -6.46
N ILE A 121 -28.89 -21.23 -6.36
CA ILE A 121 -29.43 -20.48 -7.48
C ILE A 121 -28.35 -20.04 -8.46
N PRO A 122 -28.53 -20.38 -9.75
CA PRO A 122 -27.55 -20.01 -10.79
C PRO A 122 -27.56 -18.48 -10.91
N MET A 123 -26.42 -17.86 -10.69
CA MET A 123 -26.32 -16.40 -10.74
C MET A 123 -25.55 -15.91 -11.97
N VAL A 124 -26.00 -14.79 -12.51
CA VAL A 124 -25.39 -14.18 -13.69
C VAL A 124 -24.05 -13.51 -13.34
N SER A 125 -23.84 -13.25 -12.06
CA SER A 125 -22.62 -12.63 -11.57
C SER A 125 -21.39 -13.49 -11.87
N ARG A 126 -20.31 -12.86 -12.30
CA ARG A 126 -19.08 -13.57 -12.60
C ARG A 126 -17.81 -12.78 -12.27
N LEU A 127 -16.72 -13.51 -12.05
CA LEU A 127 -15.43 -12.92 -11.72
C LEU A 127 -15.18 -11.67 -12.56
N GLY A 128 -14.60 -10.66 -11.96
CA GLY A 128 -14.32 -9.43 -12.70
C GLY A 128 -15.54 -8.74 -13.24
N MET A 129 -16.56 -8.59 -12.38
CA MET A 129 -17.79 -7.93 -12.74
C MET A 129 -18.02 -6.86 -11.67
N LYS A 130 -18.48 -5.69 -12.09
CA LYS A 130 -18.71 -4.61 -11.14
C LYS A 130 -19.88 -4.87 -10.20
N VAL A 131 -19.72 -4.37 -8.98
CA VAL A 131 -20.72 -4.52 -7.94
C VAL A 131 -21.12 -3.16 -7.41
N ASP A 132 -22.41 -2.87 -7.39
CA ASP A 132 -22.86 -1.61 -6.84
C ASP A 132 -22.74 -1.77 -5.35
N LEU A 133 -21.95 -0.91 -4.76
CA LEU A 133 -21.67 -0.96 -3.35
C LEU A 133 -22.86 -0.60 -2.48
N TYR A 134 -23.80 0.16 -3.03
CA TYR A 134 -24.95 0.60 -2.27
C TYR A 134 -26.17 -0.33 -2.33
N SER A 135 -26.21 -1.22 -3.32
CA SER A 135 -27.35 -2.12 -3.46
C SER A 135 -27.07 -3.59 -3.11
N THR A 136 -26.00 -3.84 -2.37
CA THR A 136 -25.68 -5.23 -2.04
C THR A 136 -25.34 -5.42 -0.57
N ALA A 137 -25.31 -6.66 -0.10
CA ALA A 137 -24.98 -6.92 1.29
C ALA A 137 -23.49 -6.82 1.56
N SER A 138 -22.68 -7.38 0.67
CA SER A 138 -21.23 -7.30 0.83
C SER A 138 -20.81 -5.85 0.65
N GLY A 139 -21.37 -5.20 -0.38
CA GLY A 139 -21.04 -3.82 -0.65
C GLY A 139 -21.44 -2.88 0.48
N LYS A 140 -22.65 -3.09 1.00
CA LYS A 140 -23.12 -2.24 2.10
C LYS A 140 -22.28 -2.53 3.32
N SER A 141 -21.82 -3.77 3.45
CA SER A 141 -20.98 -4.11 4.59
C SER A 141 -19.68 -3.32 4.48
N ILE A 142 -19.16 -3.20 3.26
CA ILE A 142 -17.93 -2.46 3.05
C ILE A 142 -18.17 -0.98 3.39
N LEU A 143 -19.32 -0.44 2.97
CA LEU A 143 -19.65 0.96 3.26
C LEU A 143 -19.72 1.23 4.75
N ALA A 144 -20.42 0.36 5.47
CA ALA A 144 -20.58 0.49 6.91
C ALA A 144 -19.28 0.77 7.66
N PHE A 145 -18.15 0.27 7.16
CA PHE A 145 -16.90 0.47 7.87
C PHE A 145 -15.91 1.43 7.22
N VAL A 146 -16.22 1.90 6.02
CA VAL A 146 -15.37 2.85 5.32
C VAL A 146 -15.13 4.02 6.28
N PRO A 147 -13.98 4.69 6.14
CA PRO A 147 -13.63 5.84 6.98
C PRO A 147 -14.59 7.01 6.79
N GLU A 148 -15.07 7.54 7.91
CA GLU A 148 -15.99 8.68 7.94
C GLU A 148 -15.92 9.58 6.72
N LYS A 149 -14.77 10.20 6.54
CA LYS A 149 -14.57 11.10 5.42
C LYS A 149 -14.89 10.44 4.08
N GLU A 150 -14.43 9.20 3.89
CA GLU A 150 -14.66 8.52 2.62
C GLU A 150 -16.14 8.25 2.37
N LEU A 151 -16.84 7.77 3.39
CA LEU A 151 -18.26 7.49 3.22
C LEU A 151 -18.99 8.79 2.89
N LYS A 152 -18.70 9.85 3.65
CA LYS A 152 -19.35 11.13 3.40
C LYS A 152 -19.17 11.43 1.91
N GLU A 153 -17.97 11.16 1.40
CA GLU A 153 -17.65 11.40 0.00
C GLU A 153 -18.43 10.48 -0.94
N TYR A 154 -18.51 9.20 -0.57
CA TYR A 154 -19.23 8.22 -1.36
C TYR A 154 -20.62 8.76 -1.67
N LEU A 155 -21.34 9.07 -0.61
CA LEU A 155 -22.70 9.60 -0.69
C LEU A 155 -22.77 10.90 -1.48
N LYS A 156 -21.67 11.65 -1.53
CA LYS A 156 -21.64 12.93 -2.24
C LYS A 156 -21.35 12.82 -3.73
N ILE A 157 -21.03 11.62 -4.22
CA ILE A 157 -20.72 11.47 -5.64
C ILE A 157 -21.42 10.31 -6.35
N VAL A 158 -21.75 9.27 -5.60
CA VAL A 158 -22.39 8.10 -6.21
C VAL A 158 -23.91 8.21 -6.41
N GLU A 159 -24.34 7.87 -7.62
CA GLU A 159 -25.75 7.88 -8.01
C GLU A 159 -26.42 6.61 -7.51
N LEU A 160 -27.38 6.76 -6.60
CA LEU A 160 -28.10 5.62 -6.04
C LEU A 160 -29.33 5.23 -6.86
N LYS A 161 -29.09 4.69 -8.06
CA LYS A 161 -30.14 4.28 -8.96
C LYS A 161 -31.20 3.37 -8.31
N PRO A 162 -32.43 3.41 -8.85
CA PRO A 162 -33.57 2.63 -8.38
C PRO A 162 -33.72 1.32 -9.15
N LYS A 163 -32.63 0.57 -9.24
CA LYS A 163 -32.65 -0.71 -9.96
C LYS A 163 -33.77 -1.64 -9.52
N THR A 164 -34.22 -1.53 -8.27
CA THR A 164 -35.30 -2.38 -7.76
C THR A 164 -36.27 -1.59 -6.87
N PRO A 165 -37.47 -2.14 -6.62
CA PRO A 165 -38.40 -1.42 -5.76
C PRO A 165 -37.87 -1.22 -4.34
N ASN A 166 -36.93 -2.08 -3.91
CA ASN A 166 -36.38 -1.99 -2.56
C ASN A 166 -35.07 -1.20 -2.42
N THR A 167 -34.40 -0.94 -3.54
CA THR A 167 -33.13 -0.20 -3.50
C THR A 167 -33.23 1.13 -2.77
N ILE A 168 -32.29 1.35 -1.86
CA ILE A 168 -32.24 2.59 -1.11
C ILE A 168 -31.75 3.61 -2.13
N THR A 169 -32.39 4.78 -2.18
CA THR A 169 -31.99 5.81 -3.12
C THR A 169 -31.76 7.14 -2.39
N ASN A 170 -32.05 7.16 -1.10
CA ASN A 170 -31.85 8.36 -0.31
C ASN A 170 -30.58 8.25 0.53
N PRO A 171 -29.54 9.01 0.15
CA PRO A 171 -28.24 9.04 0.85
C PRO A 171 -28.39 9.06 2.36
N ARG A 172 -29.36 9.83 2.84
CA ARG A 172 -29.61 9.92 4.27
C ARG A 172 -30.20 8.60 4.76
N VAL A 173 -31.10 8.02 3.97
CA VAL A 173 -31.72 6.76 4.33
C VAL A 173 -30.67 5.65 4.33
N LEU A 174 -29.70 5.76 3.41
CA LEU A 174 -28.63 4.77 3.27
C LEU A 174 -27.66 4.85 4.45
N LYS A 175 -27.25 6.06 4.80
CA LYS A 175 -26.31 6.26 5.89
C LYS A 175 -26.90 5.63 7.15
N ARG A 176 -28.22 5.71 7.27
CA ARG A 176 -28.92 5.11 8.42
C ARG A 176 -28.73 3.61 8.36
N GLU A 177 -29.00 3.04 7.20
CA GLU A 177 -28.84 1.59 6.98
C GLU A 177 -27.44 1.13 7.39
N LEU A 178 -26.44 1.90 6.97
CA LEU A 178 -25.05 1.57 7.28
C LEU A 178 -24.78 1.60 8.77
N GLU A 179 -25.30 2.62 9.44
CA GLU A 179 -25.12 2.76 10.89
C GLU A 179 -25.79 1.57 11.56
N LYS A 180 -26.80 1.03 10.89
CA LYS A 180 -27.52 -0.12 11.42
C LYS A 180 -26.67 -1.36 11.19
N ILE A 181 -26.11 -1.46 9.99
CA ILE A 181 -25.24 -2.57 9.61
C ILE A 181 -23.99 -2.53 10.46
N ARG A 182 -23.48 -1.31 10.63
CA ARG A 182 -22.28 -1.04 11.41
C ARG A 182 -22.44 -1.66 12.80
N LYS A 183 -23.59 -1.41 13.41
CA LYS A 183 -23.88 -1.92 14.75
C LYS A 183 -24.38 -3.36 14.70
N ARG A 184 -25.06 -3.72 13.61
CA ARG A 184 -25.61 -5.05 13.46
C ARG A 184 -24.49 -6.09 13.29
N GLY A 185 -23.41 -5.68 12.65
CA GLY A 185 -22.30 -6.60 12.42
C GLY A 185 -22.32 -7.18 11.03
N TYR A 186 -23.49 -7.09 10.38
CA TYR A 186 -23.63 -7.61 9.02
C TYR A 186 -24.75 -6.89 8.28
N ALA A 187 -24.84 -7.15 6.98
CA ALA A 187 -25.86 -6.52 6.14
C ALA A 187 -26.73 -7.53 5.40
N VAL A 188 -27.93 -7.10 5.02
CA VAL A 188 -28.81 -7.98 4.29
C VAL A 188 -29.36 -7.23 3.09
N ASP A 189 -29.37 -7.92 1.95
CA ASP A 189 -29.86 -7.37 0.70
C ASP A 189 -31.27 -7.92 0.52
N ASN A 190 -32.25 -7.10 0.87
CA ASN A 190 -33.65 -7.48 0.76
C ASN A 190 -34.13 -7.16 -0.65
N GLU A 191 -33.79 -8.04 -1.58
CA GLU A 191 -34.18 -7.83 -2.96
C GLU A 191 -33.88 -6.39 -3.35
N GLU A 192 -32.75 -5.88 -2.87
CA GLU A 192 -32.35 -4.50 -3.16
C GLU A 192 -31.51 -4.49 -4.45
N ASN A 193 -30.79 -5.57 -4.70
CA ASN A 193 -29.96 -5.66 -5.89
C ASN A 193 -30.80 -6.28 -7.00
N GLU A 194 -31.40 -7.43 -6.72
CA GLU A 194 -32.21 -8.09 -7.72
C GLU A 194 -33.50 -8.57 -7.09
N ILE A 195 -34.55 -8.65 -7.90
CA ILE A 195 -35.83 -9.09 -7.42
C ILE A 195 -35.85 -10.60 -7.30
N GLY A 196 -36.32 -11.09 -6.16
CA GLY A 196 -36.41 -12.53 -5.94
C GLY A 196 -35.20 -13.14 -5.28
N ILE A 197 -34.21 -12.29 -5.02
CA ILE A 197 -32.97 -12.76 -4.45
C ILE A 197 -32.56 -11.91 -3.26
N MET A 198 -32.10 -12.58 -2.21
CA MET A 198 -31.67 -11.89 -1.01
C MET A 198 -30.28 -12.35 -0.61
N CYS A 199 -29.57 -11.49 0.10
CA CYS A 199 -28.21 -11.78 0.51
C CYS A 199 -27.89 -11.27 1.91
N VAL A 200 -27.01 -11.99 2.58
CA VAL A 200 -26.52 -11.61 3.89
C VAL A 200 -25.01 -11.39 3.65
N GLY A 201 -24.46 -10.27 4.09
CA GLY A 201 -23.05 -10.03 3.86
C GLY A 201 -22.27 -9.35 4.97
N VAL A 202 -21.04 -9.82 5.19
CA VAL A 202 -20.18 -9.26 6.24
C VAL A 202 -18.90 -8.74 5.60
N PRO A 203 -18.18 -7.84 6.29
CA PRO A 203 -16.94 -7.29 5.75
C PRO A 203 -15.69 -8.06 6.16
N ILE A 204 -14.66 -7.96 5.34
CA ILE A 204 -13.38 -8.58 5.62
C ILE A 204 -12.46 -7.36 5.90
N PHE A 205 -11.80 -7.35 7.05
CA PHE A 205 -10.92 -6.23 7.38
C PHE A 205 -9.45 -6.57 7.18
N ASP A 206 -8.66 -5.54 6.86
CA ASP A 206 -7.22 -5.68 6.68
C ASP A 206 -6.58 -5.42 8.04
N HIS A 207 -5.26 -5.29 8.10
CA HIS A 207 -4.63 -5.06 9.40
C HIS A 207 -4.96 -3.69 10.03
N ASN A 208 -5.29 -2.71 9.19
CA ASN A 208 -5.64 -1.37 9.68
C ASN A 208 -7.13 -1.23 9.99
N GLY A 209 -7.87 -2.33 9.86
CA GLY A 209 -9.29 -2.31 10.16
C GLY A 209 -10.15 -1.78 9.03
N TYR A 210 -9.57 -1.71 7.84
CA TYR A 210 -10.27 -1.21 6.67
C TYR A 210 -10.98 -2.35 5.91
N PRO A 211 -12.27 -2.14 5.57
CA PRO A 211 -13.16 -3.06 4.85
C PRO A 211 -12.73 -3.27 3.41
N VAL A 212 -11.66 -4.04 3.23
CA VAL A 212 -11.11 -4.33 1.91
C VAL A 212 -12.01 -5.23 1.06
N ALA A 213 -12.95 -5.90 1.70
CA ALA A 213 -13.83 -6.80 0.95
C ALA A 213 -14.99 -7.36 1.78
N GLY A 214 -15.89 -8.08 1.13
CA GLY A 214 -16.99 -8.65 1.87
C GLY A 214 -17.46 -9.99 1.35
N VAL A 215 -17.88 -10.86 2.25
CA VAL A 215 -18.40 -12.15 1.82
C VAL A 215 -19.90 -12.20 2.07
N SER A 216 -20.61 -12.94 1.23
CA SER A 216 -22.04 -13.00 1.38
C SER A 216 -22.66 -14.28 0.86
N ILE A 217 -23.89 -14.50 1.29
CA ILE A 217 -24.67 -15.66 0.90
C ILE A 217 -25.85 -15.15 0.09
N SER A 218 -26.09 -15.74 -1.07
CA SER A 218 -27.23 -15.32 -1.90
C SER A 218 -28.18 -16.47 -2.16
N GLY A 219 -29.48 -16.20 -2.09
CA GLY A 219 -30.46 -17.24 -2.32
C GLY A 219 -31.83 -16.66 -2.63
N VAL A 220 -32.79 -17.53 -2.97
CA VAL A 220 -34.15 -17.06 -3.27
C VAL A 220 -34.76 -16.37 -2.05
N ALA A 221 -35.20 -15.13 -2.25
CA ALA A 221 -35.78 -14.31 -1.20
C ALA A 221 -36.53 -15.08 -0.11
N ARG A 222 -37.47 -15.92 -0.54
CA ARG A 222 -38.27 -16.72 0.38
C ARG A 222 -37.46 -17.42 1.47
N LYS A 223 -36.40 -18.12 1.08
CA LYS A 223 -35.55 -18.86 2.01
C LYS A 223 -34.95 -18.00 3.11
N PHE A 224 -34.88 -16.69 2.88
CA PHE A 224 -34.29 -15.78 3.86
C PHE A 224 -35.20 -15.30 4.98
N THR A 225 -35.47 -16.20 5.91
CA THR A 225 -36.32 -15.90 7.06
C THR A 225 -35.45 -15.37 8.21
N GLU A 226 -36.08 -14.67 9.14
CA GLU A 226 -35.40 -14.08 10.29
C GLU A 226 -34.39 -15.04 10.94
N GLU A 227 -34.71 -16.32 10.95
CA GLU A 227 -33.85 -17.33 11.55
C GLU A 227 -32.77 -17.83 10.60
N LYS A 228 -33.07 -17.81 9.31
CA LYS A 228 -32.09 -18.24 8.33
C LYS A 228 -31.01 -17.18 8.28
N ILE A 229 -31.43 -15.93 8.25
CA ILE A 229 -30.51 -14.80 8.21
C ILE A 229 -29.54 -14.79 9.38
N GLU A 230 -30.06 -14.96 10.59
CA GLU A 230 -29.22 -14.99 11.78
C GLU A 230 -28.28 -16.17 11.65
N GLU A 231 -28.85 -17.28 11.20
CA GLU A 231 -28.09 -18.51 10.98
C GLU A 231 -26.99 -18.23 9.97
N TYR A 232 -27.38 -17.67 8.83
CA TYR A 232 -26.46 -17.35 7.74
C TYR A 232 -25.34 -16.42 8.13
N SER A 233 -25.69 -15.27 8.71
CA SER A 233 -24.68 -14.30 9.09
C SER A 233 -23.59 -14.91 9.97
N ASP A 234 -24.00 -15.55 11.05
CA ASP A 234 -23.08 -16.17 12.00
C ASP A 234 -21.99 -16.96 11.23
N VAL A 235 -22.40 -17.72 10.23
CA VAL A 235 -21.44 -18.50 9.44
C VAL A 235 -20.47 -17.57 8.74
N LEU A 236 -20.99 -16.48 8.20
CA LEU A 236 -20.19 -15.50 7.49
C LEU A 236 -19.08 -14.88 8.33
N LYS A 237 -19.43 -14.33 9.49
CA LYS A 237 -18.43 -13.70 10.35
C LYS A 237 -17.36 -14.71 10.77
N GLU A 238 -17.80 -15.88 11.20
CA GLU A 238 -16.87 -16.92 11.61
C GLU A 238 -15.78 -17.12 10.57
N LYS A 239 -16.18 -17.26 9.32
CA LYS A 239 -15.23 -17.47 8.25
C LYS A 239 -14.53 -16.15 7.89
N ALA A 240 -15.21 -15.04 8.16
CA ALA A 240 -14.69 -13.72 7.86
C ALA A 240 -13.61 -13.31 8.85
N GLU A 241 -13.75 -13.74 10.10
CA GLU A 241 -12.75 -13.39 11.09
C GLU A 241 -11.47 -14.09 10.67
N GLU A 242 -11.57 -15.37 10.37
CA GLU A 242 -10.40 -16.16 9.96
C GLU A 242 -9.64 -15.46 8.83
N ILE A 243 -10.36 -15.06 7.79
CA ILE A 243 -9.74 -14.39 6.65
C ILE A 243 -9.08 -13.08 7.08
N SER A 244 -9.84 -12.21 7.73
CA SER A 244 -9.30 -10.93 8.19
C SER A 244 -8.11 -11.10 9.13
N ARG A 245 -8.14 -12.16 9.94
CA ARG A 245 -7.05 -12.41 10.86
C ARG A 245 -5.80 -12.75 10.09
N LYS A 246 -5.96 -13.46 8.97
CA LYS A 246 -4.83 -13.83 8.13
C LYS A 246 -4.35 -12.62 7.32
N LEU A 247 -5.09 -11.52 7.39
CA LEU A 247 -4.71 -10.31 6.69
C LEU A 247 -4.02 -9.40 7.71
N GLY A 248 -3.89 -9.92 8.92
CA GLY A 248 -3.24 -9.17 9.98
C GLY A 248 -4.18 -8.46 10.94
N TYR A 249 -5.48 -8.72 10.82
CA TYR A 249 -6.47 -8.10 11.70
C TYR A 249 -6.52 -8.84 13.04
N HIS B 3 29.21 -16.19 14.16
CA HIS B 3 28.18 -17.15 13.70
C HIS B 3 26.81 -16.51 13.74
N MET B 4 26.59 -15.64 14.74
CA MET B 4 25.31 -14.96 14.91
C MET B 4 24.74 -14.33 13.64
N ASN B 5 25.56 -14.20 12.60
CA ASN B 5 25.06 -13.64 11.35
C ASN B 5 24.14 -14.61 10.62
N THR B 6 23.58 -15.54 11.38
CA THR B 6 22.59 -16.47 10.88
C THR B 6 21.53 -15.48 10.41
N LEU B 7 21.50 -14.35 11.12
CA LEU B 7 20.60 -13.24 10.85
C LEU B 7 20.62 -12.95 9.37
N LYS B 8 21.82 -12.91 8.80
CA LYS B 8 21.94 -12.65 7.37
C LYS B 8 21.13 -13.67 6.58
N LYS B 9 21.36 -14.95 6.83
CA LYS B 9 20.65 -16.01 6.13
C LYS B 9 19.14 -15.80 6.20
N ALA B 10 18.66 -15.47 7.39
CA ALA B 10 17.25 -15.25 7.61
C ALA B 10 16.73 -14.20 6.63
N PHE B 11 17.39 -13.04 6.61
CA PHE B 11 16.99 -11.95 5.73
C PHE B 11 17.24 -12.15 4.25
N GLU B 12 17.96 -13.21 3.90
CA GLU B 12 18.20 -13.53 2.50
C GLU B 12 17.05 -14.42 2.07
N ILE B 13 16.65 -15.34 2.94
CA ILE B 13 15.55 -16.22 2.64
C ILE B 13 14.27 -15.39 2.48
N LEU B 14 14.03 -14.51 3.45
CA LEU B 14 12.85 -13.65 3.43
C LEU B 14 12.86 -12.76 2.19
N ASP B 15 13.97 -12.07 1.93
CA ASP B 15 14.05 -11.19 0.77
C ASP B 15 13.66 -11.95 -0.48
N PHE B 16 14.00 -13.25 -0.50
CA PHE B 16 13.72 -14.12 -1.63
C PHE B 16 12.23 -14.45 -1.79
N ILE B 17 11.54 -14.74 -0.70
CA ILE B 17 10.14 -15.09 -0.80
C ILE B 17 9.31 -13.88 -1.24
N VAL B 18 9.75 -12.69 -0.83
CA VAL B 18 9.07 -11.45 -1.21
C VAL B 18 9.17 -11.18 -2.70
N LYS B 19 10.35 -11.38 -3.27
CA LYS B 19 10.55 -11.10 -4.70
C LYS B 19 10.27 -12.31 -5.57
N ASN B 20 9.89 -13.42 -4.96
CA ASN B 20 9.60 -14.64 -5.70
C ASN B 20 8.17 -14.70 -6.26
N PRO B 21 8.05 -14.79 -7.59
CA PRO B 21 6.71 -14.86 -8.19
C PRO B 21 6.11 -16.22 -7.80
N GLY B 22 4.93 -16.21 -7.18
CA GLY B 22 4.34 -17.47 -6.77
C GLY B 22 4.67 -17.83 -5.34
N ASP B 23 4.92 -19.12 -5.08
CA ASP B 23 5.25 -19.56 -3.70
C ASP B 23 6.47 -20.47 -3.61
N VAL B 24 6.76 -20.94 -2.40
CA VAL B 24 7.92 -21.79 -2.18
C VAL B 24 7.72 -22.81 -1.05
N SER B 25 8.25 -24.02 -1.24
CA SER B 25 8.14 -25.10 -0.25
C SER B 25 9.36 -25.13 0.65
N VAL B 26 9.21 -25.70 1.84
CA VAL B 26 10.32 -25.80 2.77
C VAL B 26 11.47 -26.48 2.03
N SER B 27 11.12 -27.52 1.28
CA SER B 27 12.08 -28.29 0.50
C SER B 27 12.90 -27.41 -0.43
N GLU B 28 12.21 -26.52 -1.14
CA GLU B 28 12.86 -25.63 -2.10
C GLU B 28 13.82 -24.62 -1.49
N ILE B 29 13.43 -24.04 -0.35
CA ILE B 29 14.30 -23.08 0.31
C ILE B 29 15.57 -23.77 0.76
N ALA B 30 15.42 -24.95 1.36
CA ALA B 30 16.57 -25.73 1.82
C ALA B 30 17.54 -25.90 0.65
N GLU B 31 17.05 -26.47 -0.45
CA GLU B 31 17.87 -26.68 -1.63
C GLU B 31 18.45 -25.38 -2.16
N LYS B 32 17.76 -24.28 -1.87
CA LYS B 32 18.18 -22.96 -2.31
C LYS B 32 19.35 -22.41 -1.51
N PHE B 33 19.28 -22.56 -0.19
CA PHE B 33 20.33 -22.06 0.69
C PHE B 33 21.12 -23.14 1.40
N ASN B 34 21.57 -24.11 0.63
CA ASN B 34 22.37 -25.23 1.13
C ASN B 34 22.13 -25.52 2.61
N MET B 35 21.08 -26.26 2.90
CA MET B 35 20.75 -26.64 4.28
C MET B 35 19.66 -27.71 4.33
N SER B 36 19.61 -28.46 5.43
CA SER B 36 18.63 -29.52 5.58
C SER B 36 17.21 -28.96 5.75
N VAL B 37 16.22 -29.74 5.32
CA VAL B 37 14.83 -29.33 5.44
C VAL B 37 14.61 -28.99 6.92
N SER B 38 15.27 -29.76 7.77
CA SER B 38 15.18 -29.58 9.21
C SER B 38 15.51 -28.15 9.63
N ASN B 39 16.66 -27.64 9.19
CA ASN B 39 17.06 -26.29 9.56
C ASN B 39 16.31 -25.21 8.78
N ALA B 40 15.75 -25.56 7.63
CA ALA B 40 14.98 -24.59 6.87
C ALA B 40 13.80 -24.26 7.76
N TYR B 41 13.22 -25.30 8.36
CA TYR B 41 12.08 -25.13 9.26
C TYR B 41 12.41 -24.18 10.38
N LYS B 42 13.69 -24.14 10.75
CA LYS B 42 14.10 -23.25 11.83
C LYS B 42 13.77 -21.81 11.41
N TYR B 43 14.18 -21.43 10.20
CA TYR B 43 13.90 -20.09 9.72
C TYR B 43 12.42 -19.90 9.34
N MET B 44 11.88 -20.83 8.56
CA MET B 44 10.48 -20.74 8.13
C MET B 44 9.42 -20.75 9.26
N VAL B 45 9.69 -21.46 10.35
CA VAL B 45 8.73 -21.49 11.45
C VAL B 45 8.67 -20.13 12.15
N VAL B 46 9.81 -19.49 12.34
CA VAL B 46 9.84 -18.18 12.99
C VAL B 46 9.24 -17.11 12.07
N LEU B 47 9.63 -17.16 10.79
CA LEU B 47 9.10 -16.21 9.81
C LEU B 47 7.59 -16.36 9.75
N GLU B 48 7.11 -17.60 9.84
CA GLU B 48 5.68 -17.84 9.80
C GLU B 48 4.98 -17.33 11.06
N GLU B 49 5.57 -17.66 12.22
CA GLU B 49 5.04 -17.24 13.52
C GLU B 49 5.01 -15.72 13.67
N LYS B 50 5.94 -15.04 13.01
CA LYS B 50 6.02 -13.58 13.09
C LYS B 50 5.10 -12.92 12.06
N GLY B 51 4.57 -13.73 11.13
CA GLY B 51 3.68 -13.20 10.12
C GLY B 51 4.31 -12.69 8.83
N PHE B 52 5.61 -12.89 8.66
CA PHE B 52 6.32 -12.45 7.47
C PHE B 52 5.98 -13.34 6.29
N VAL B 53 5.55 -14.55 6.61
CA VAL B 53 5.21 -15.51 5.60
C VAL B 53 3.89 -16.19 5.96
N LEU B 54 3.20 -16.68 4.93
CA LEU B 54 1.92 -17.37 5.13
C LEU B 54 2.08 -18.79 4.62
N ARG B 55 1.63 -19.76 5.39
CA ARG B 55 1.77 -21.12 4.89
C ARG B 55 0.44 -21.63 4.36
N LYS B 56 0.48 -22.15 3.14
CA LYS B 56 -0.68 -22.67 2.44
C LYS B 56 -1.12 -24.04 2.93
N LYS B 57 -2.35 -24.41 2.59
CA LYS B 57 -2.89 -25.70 2.98
C LYS B 57 -1.95 -26.75 2.39
N ASP B 58 -1.41 -26.46 1.21
CA ASP B 58 -0.49 -27.36 0.55
C ASP B 58 0.93 -27.25 1.11
N LYS B 59 1.05 -26.61 2.26
CA LYS B 59 2.34 -26.42 2.92
C LYS B 59 3.39 -25.57 2.16
N ARG B 60 2.98 -24.95 1.06
CA ARG B 60 3.86 -24.08 0.28
C ARG B 60 3.75 -22.71 0.93
N TYR B 61 4.77 -21.87 0.76
CA TYR B 61 4.82 -20.56 1.38
C TYR B 61 4.60 -19.31 0.52
N VAL B 62 3.90 -18.35 1.10
CA VAL B 62 3.59 -17.10 0.44
C VAL B 62 3.84 -15.97 1.44
N PRO B 63 4.20 -14.78 0.95
CA PRO B 63 4.45 -13.67 1.87
C PRO B 63 3.25 -13.31 2.75
N GLY B 64 3.56 -12.97 4.00
CA GLY B 64 2.53 -12.60 4.96
C GLY B 64 2.17 -11.12 4.91
N TYR B 65 1.38 -10.70 5.88
CA TYR B 65 0.90 -9.33 5.97
C TYR B 65 1.82 -8.42 6.77
N LYS B 66 2.63 -9.01 7.64
CA LYS B 66 3.52 -8.20 8.50
C LYS B 66 4.23 -7.08 7.76
N LEU B 67 4.98 -7.44 6.72
CA LEU B 67 5.72 -6.47 5.92
C LEU B 67 4.80 -5.33 5.46
N ILE B 68 3.57 -5.67 5.06
CA ILE B 68 2.59 -4.66 4.65
C ILE B 68 2.34 -3.72 5.82
N GLU B 69 2.12 -4.30 7.00
CA GLU B 69 1.91 -3.49 8.20
C GLU B 69 3.14 -2.61 8.49
N TYR B 70 4.34 -3.16 8.30
CA TYR B 70 5.57 -2.42 8.59
C TYR B 70 5.72 -1.21 7.69
N GLY B 71 5.45 -1.41 6.41
CA GLY B 71 5.55 -0.31 5.46
C GLY B 71 4.64 0.84 5.86
N SER B 72 3.40 0.53 6.24
CA SER B 72 2.42 1.55 6.65
C SER B 72 2.91 2.32 7.87
N PHE B 73 3.52 1.61 8.82
CA PHE B 73 4.07 2.23 10.03
C PHE B 73 5.15 3.25 9.69
N VAL B 74 6.00 2.91 8.73
CA VAL B 74 7.08 3.82 8.35
C VAL B 74 6.47 5.00 7.57
N LEU B 75 5.58 4.72 6.61
CA LEU B 75 4.93 5.80 5.85
C LEU B 75 4.18 6.69 6.83
N ARG B 76 3.66 6.07 7.87
CA ARG B 76 2.91 6.75 8.93
C ARG B 76 3.78 7.79 9.64
N ARG B 77 5.08 7.73 9.44
CA ARG B 77 5.99 8.68 10.08
C ARG B 77 6.17 9.99 9.32
N PHE B 78 5.62 10.08 8.12
CA PHE B 78 5.77 11.29 7.30
C PHE B 78 4.46 12.08 7.15
N ASN B 79 4.19 12.94 8.12
CA ASN B 79 2.98 13.76 8.16
C ASN B 79 2.61 14.31 6.78
N ILE B 80 3.61 14.67 6.00
CA ILE B 80 3.41 15.20 4.67
C ILE B 80 2.52 14.27 3.83
N ARG B 81 2.74 12.97 3.96
CA ARG B 81 1.97 11.99 3.19
C ARG B 81 0.46 12.20 3.31
N ASP B 82 -0.04 12.29 4.54
CA ASP B 82 -1.47 12.49 4.76
C ASP B 82 -1.90 13.90 4.41
N ILE B 83 -0.96 14.84 4.51
CA ILE B 83 -1.23 16.22 4.19
C ILE B 83 -1.38 16.40 2.68
N ALA B 84 -0.76 15.51 1.92
CA ALA B 84 -0.79 15.63 0.47
C ALA B 84 -1.64 14.60 -0.28
N HIS B 85 -1.64 13.36 0.17
CA HIS B 85 -2.36 12.32 -0.55
C HIS B 85 -3.57 12.70 -1.40
N ASP B 86 -4.52 13.47 -0.85
CA ASP B 86 -5.69 13.83 -1.64
C ASP B 86 -5.43 14.82 -2.76
N HIS B 87 -4.53 15.77 -2.51
CA HIS B 87 -4.19 16.72 -3.54
C HIS B 87 -3.59 15.93 -4.70
N LEU B 88 -2.93 14.83 -4.36
CA LEU B 88 -2.32 13.99 -5.38
C LEU B 88 -3.40 13.30 -6.19
N VAL B 89 -4.38 12.72 -5.48
CA VAL B 89 -5.48 12.05 -6.15
C VAL B 89 -6.19 13.06 -7.04
N ASP B 90 -6.31 14.29 -6.57
CA ASP B 90 -6.96 15.32 -7.36
C ASP B 90 -6.15 15.66 -8.61
N ILE B 91 -4.82 15.79 -8.43
CA ILE B 91 -3.94 16.10 -9.55
C ILE B 91 -4.07 15.02 -10.60
N MET B 92 -4.27 13.77 -10.17
CA MET B 92 -4.40 12.68 -11.13
C MET B 92 -5.74 12.70 -11.87
N LYS B 93 -6.79 13.11 -11.16
CA LYS B 93 -8.11 13.15 -11.76
C LYS B 93 -8.28 14.36 -12.66
N ARG B 94 -7.46 15.38 -12.44
CA ARG B 94 -7.54 16.58 -13.26
C ARG B 94 -6.48 16.63 -14.37
N THR B 95 -5.65 15.58 -14.46
CA THR B 95 -4.64 15.53 -15.51
C THR B 95 -4.68 14.18 -16.19
N GLY B 96 -5.08 13.15 -15.43
CA GLY B 96 -5.17 11.80 -15.93
C GLY B 96 -3.81 11.14 -15.94
N GLU B 97 -2.82 11.85 -15.40
CA GLU B 97 -1.46 11.37 -15.36
C GLU B 97 -1.06 10.86 -13.99
N THR B 98 -0.08 9.95 -13.97
CA THR B 98 0.45 9.39 -12.73
C THR B 98 1.13 10.55 -11.99
N VAL B 99 0.99 10.56 -10.67
CA VAL B 99 1.54 11.59 -9.79
C VAL B 99 2.49 10.96 -8.77
N HIS B 100 3.64 11.59 -8.51
CA HIS B 100 4.59 11.07 -7.54
C HIS B 100 4.88 12.12 -6.49
N LEU B 101 5.30 11.66 -5.32
CA LEU B 101 5.68 12.54 -4.22
C LEU B 101 6.94 11.93 -3.64
N ILE B 102 8.07 12.61 -3.81
CA ILE B 102 9.33 12.10 -3.29
C ILE B 102 9.78 12.85 -2.06
N LEU B 103 10.18 12.10 -1.04
CA LEU B 103 10.66 12.67 0.23
C LEU B 103 12.15 12.92 0.15
N LYS B 104 12.58 14.14 0.45
CA LYS B 104 13.99 14.54 0.42
C LYS B 104 14.76 13.89 1.58
N ASP B 105 15.73 13.03 1.27
CA ASP B 105 16.52 12.38 2.31
C ASP B 105 18.01 12.43 1.97
N GLY B 106 18.64 13.55 2.33
CA GLY B 106 20.03 13.75 2.02
C GLY B 106 20.20 14.16 0.57
N PHE B 107 21.01 13.39 -0.16
CA PHE B 107 21.30 13.63 -1.56
C PHE B 107 20.54 12.62 -2.42
N GLU B 108 19.50 12.04 -1.83
CA GLU B 108 18.64 11.07 -2.49
C GLU B 108 17.19 11.43 -2.19
N GLY B 109 16.29 10.81 -2.95
CA GLY B 109 14.87 11.01 -2.75
C GLY B 109 14.23 9.65 -2.59
N VAL B 110 13.06 9.62 -1.95
CA VAL B 110 12.35 8.36 -1.76
C VAL B 110 10.87 8.52 -2.14
N TYR B 111 10.36 7.56 -2.87
CA TYR B 111 8.94 7.61 -3.24
C TYR B 111 8.11 7.33 -1.98
N ILE B 112 7.34 8.33 -1.55
CA ILE B 112 6.54 8.15 -0.36
C ILE B 112 5.05 8.09 -0.64
N ASP B 113 4.68 8.27 -1.91
CA ASP B 113 3.28 8.19 -2.33
C ASP B 113 3.21 8.23 -3.85
N LYS B 114 2.23 7.55 -4.42
CA LYS B 114 2.07 7.54 -5.86
C LYS B 114 0.63 7.25 -6.24
N VAL B 115 0.07 8.07 -7.12
CA VAL B 115 -1.29 7.85 -7.60
C VAL B 115 -1.19 7.44 -9.06
N GLU B 116 -1.56 6.20 -9.37
CA GLU B 116 -1.50 5.73 -10.73
C GLU B 116 -2.50 6.48 -11.62
N GLY B 117 -2.14 6.64 -12.88
CA GLY B 117 -3.00 7.33 -13.82
C GLY B 117 -3.89 6.33 -14.54
N GLU B 118 -4.67 6.86 -15.48
CA GLU B 118 -5.60 6.08 -16.26
C GLU B 118 -4.96 5.03 -17.15
N GLN B 119 -3.75 5.30 -17.62
CA GLN B 119 -3.05 4.33 -18.47
C GLN B 119 -1.68 3.95 -17.87
N SER B 120 -1.25 2.72 -18.14
CA SER B 120 0.04 2.25 -17.63
C SER B 120 1.15 3.02 -18.38
N ILE B 121 2.18 3.46 -17.66
CA ILE B 121 3.28 4.18 -18.31
C ILE B 121 4.55 3.37 -18.15
N PRO B 122 5.42 3.37 -19.17
CA PRO B 122 6.69 2.61 -19.14
C PRO B 122 7.72 3.07 -18.12
N MET B 123 7.28 3.29 -16.88
CA MET B 123 8.14 3.74 -15.79
C MET B 123 8.13 2.72 -14.65
N VAL B 124 9.28 2.42 -14.06
CA VAL B 124 9.33 1.46 -12.96
C VAL B 124 9.55 2.19 -11.65
N SER B 125 8.45 2.52 -10.99
CA SER B 125 8.49 3.23 -9.71
C SER B 125 7.57 2.55 -8.72
N ARG B 126 7.91 2.61 -7.45
CA ARG B 126 7.08 2.01 -6.40
C ARG B 126 7.47 2.66 -5.10
N LEU B 127 6.57 2.65 -4.12
CA LEU B 127 6.88 3.29 -2.84
C LEU B 127 8.14 2.71 -2.21
N GLY B 128 8.85 3.51 -1.44
CA GLY B 128 10.06 3.01 -0.81
C GLY B 128 11.31 3.09 -1.68
N MET B 129 11.12 3.05 -2.99
CA MET B 129 12.23 3.12 -3.95
C MET B 129 12.95 4.46 -3.84
N LYS B 130 14.21 4.50 -4.27
CA LYS B 130 15.01 5.73 -4.17
C LYS B 130 15.16 6.44 -5.51
N VAL B 131 15.25 7.77 -5.47
CA VAL B 131 15.40 8.51 -6.72
C VAL B 131 16.54 9.51 -6.75
N ASP B 132 17.25 9.49 -7.88
CA ASP B 132 18.36 10.40 -8.10
C ASP B 132 17.77 11.80 -8.16
N LEU B 133 18.28 12.69 -7.32
CA LEU B 133 17.78 14.06 -7.28
C LEU B 133 18.21 14.93 -8.44
N TYR B 134 18.93 14.38 -9.41
CA TYR B 134 19.37 15.18 -10.53
C TYR B 134 18.74 14.83 -11.87
N SER B 135 18.53 13.54 -12.12
CA SER B 135 17.94 13.13 -13.40
C SER B 135 16.41 13.11 -13.38
N THR B 136 15.83 13.53 -12.28
CA THR B 136 14.38 13.54 -12.15
C THR B 136 13.85 14.96 -11.88
N ALA B 137 12.64 15.25 -12.36
CA ALA B 137 12.04 16.58 -12.18
C ALA B 137 11.79 16.95 -10.71
N SER B 138 11.04 16.13 -10.00
CA SER B 138 10.80 16.41 -8.60
C SER B 138 12.17 16.50 -7.88
N GLY B 139 13.17 15.81 -8.44
CA GLY B 139 14.50 15.84 -7.85
C GLY B 139 15.20 17.17 -8.01
N LYS B 140 15.35 17.64 -9.25
CA LYS B 140 16.00 18.91 -9.51
C LYS B 140 15.16 20.02 -8.89
N SER B 141 13.84 19.85 -8.95
CA SER B 141 12.94 20.82 -8.36
C SER B 141 13.34 21.02 -6.89
N ILE B 142 13.88 19.97 -6.27
CA ILE B 142 14.31 20.05 -4.87
C ILE B 142 15.72 20.62 -4.77
N LEU B 143 16.56 20.26 -5.74
CA LEU B 143 17.93 20.75 -5.80
C LEU B 143 17.98 22.20 -6.25
N ALA B 144 16.82 22.79 -6.48
CA ALA B 144 16.74 24.17 -6.92
C ALA B 144 16.33 25.09 -5.79
N PHE B 145 16.39 24.58 -4.56
CA PHE B 145 16.04 25.37 -3.39
C PHE B 145 16.82 24.98 -2.15
N VAL B 146 17.71 24.02 -2.29
CA VAL B 146 18.54 23.60 -1.16
C VAL B 146 19.53 24.74 -0.96
N PRO B 147 19.70 25.21 0.29
CA PRO B 147 20.66 26.29 0.48
C PRO B 147 21.94 26.06 -0.33
N GLU B 148 22.30 27.09 -1.12
CA GLU B 148 23.47 27.08 -1.99
C GLU B 148 24.65 26.29 -1.42
N LYS B 149 24.93 26.48 -0.14
CA LYS B 149 26.01 25.79 0.57
C LYS B 149 25.88 24.28 0.41
N GLU B 150 24.75 23.76 0.90
CA GLU B 150 24.46 22.34 0.83
C GLU B 150 24.56 21.92 -0.63
N LEU B 151 23.96 22.74 -1.49
CA LEU B 151 23.95 22.50 -2.94
C LEU B 151 25.36 22.24 -3.43
N LYS B 152 26.18 23.28 -3.33
CA LYS B 152 27.57 23.23 -3.75
C LYS B 152 28.23 21.90 -3.42
N GLU B 153 27.92 21.35 -2.25
CA GLU B 153 28.50 20.08 -1.86
C GLU B 153 27.94 18.93 -2.66
N TYR B 154 26.64 18.98 -2.97
CA TYR B 154 26.01 17.91 -3.75
C TYR B 154 26.76 17.72 -5.06
N LEU B 155 26.82 18.78 -5.85
CA LEU B 155 27.49 18.75 -7.15
C LEU B 155 28.91 18.26 -6.95
N LYS B 156 29.45 18.56 -5.77
CA LYS B 156 30.79 18.16 -5.41
C LYS B 156 30.92 16.66 -5.13
N ILE B 157 29.91 16.09 -4.47
CA ILE B 157 29.94 14.66 -4.12
C ILE B 157 29.31 13.74 -5.15
N VAL B 158 27.98 13.79 -5.23
CA VAL B 158 27.18 12.95 -6.13
C VAL B 158 27.64 12.86 -7.58
N GLU B 159 27.78 11.64 -8.07
CA GLU B 159 28.19 11.41 -9.46
C GLU B 159 26.96 11.69 -10.34
N LEU B 160 27.15 11.75 -11.65
CA LEU B 160 26.07 12.04 -12.57
C LEU B 160 26.00 11.01 -13.70
N LYS B 161 26.27 9.74 -13.36
CA LYS B 161 26.23 8.69 -14.36
C LYS B 161 25.01 8.85 -15.26
N PRO B 162 25.23 9.28 -16.52
CA PRO B 162 24.17 9.49 -17.49
C PRO B 162 23.35 8.22 -17.79
N LYS B 163 22.09 8.24 -17.37
CA LYS B 163 21.19 7.10 -17.58
C LYS B 163 20.57 7.11 -18.96
N THR B 164 20.58 8.27 -19.60
CA THR B 164 20.03 8.40 -20.94
C THR B 164 20.69 9.60 -21.61
N PRO B 165 20.84 9.56 -22.96
CA PRO B 165 21.46 10.65 -23.71
C PRO B 165 21.01 12.05 -23.29
N ASN B 166 20.05 12.13 -22.38
CA ASN B 166 19.56 13.41 -21.91
C ASN B 166 19.86 13.62 -20.44
N THR B 167 20.61 12.69 -19.83
CA THR B 167 20.97 12.78 -18.43
C THR B 167 22.15 13.75 -18.30
N ILE B 168 21.88 14.95 -17.77
CA ILE B 168 22.88 15.98 -17.57
C ILE B 168 24.08 15.48 -16.75
N THR B 169 25.28 15.54 -17.32
CA THR B 169 26.48 15.09 -16.61
C THR B 169 27.45 16.21 -16.23
N ASN B 170 27.07 17.45 -16.50
CA ASN B 170 27.94 18.59 -16.18
C ASN B 170 27.33 19.51 -15.12
N PRO B 171 28.01 19.62 -13.97
CA PRO B 171 27.60 20.45 -12.83
C PRO B 171 27.43 21.94 -13.12
N ARG B 172 28.06 22.44 -14.17
CA ARG B 172 27.92 23.85 -14.53
C ARG B 172 26.57 24.00 -15.23
N VAL B 173 26.24 22.99 -16.03
CA VAL B 173 24.98 22.95 -16.77
C VAL B 173 23.85 22.65 -15.81
N LEU B 174 24.14 21.75 -14.86
CA LEU B 174 23.17 21.36 -13.85
C LEU B 174 22.85 22.55 -12.96
N LYS B 175 23.88 23.33 -12.63
CA LYS B 175 23.71 24.51 -11.79
C LYS B 175 22.83 25.52 -12.54
N ARG B 176 23.24 25.87 -13.76
CA ARG B 176 22.46 26.81 -14.57
C ARG B 176 21.06 26.23 -14.66
N GLU B 177 20.99 24.97 -15.06
CA GLU B 177 19.73 24.24 -15.19
C GLU B 177 18.88 24.50 -13.95
N LEU B 178 19.45 24.26 -12.79
CA LEU B 178 18.74 24.47 -11.53
C LEU B 178 18.20 25.89 -11.38
N GLU B 179 18.98 26.87 -11.82
CA GLU B 179 18.55 28.26 -11.71
C GLU B 179 17.34 28.50 -12.60
N LYS B 180 17.36 27.94 -13.81
CA LYS B 180 16.25 28.09 -14.73
C LYS B 180 15.02 27.63 -13.96
N ILE B 181 15.19 26.55 -13.22
CA ILE B 181 14.12 25.99 -12.42
C ILE B 181 13.69 26.98 -11.35
N ARG B 182 14.65 27.62 -10.71
CA ARG B 182 14.33 28.63 -9.70
C ARG B 182 13.49 29.69 -10.40
N LYS B 183 13.87 29.98 -11.65
CA LYS B 183 13.18 30.95 -12.48
C LYS B 183 11.72 30.56 -12.69
N ARG B 184 11.49 29.55 -13.53
CA ARG B 184 10.14 29.09 -13.81
C ARG B 184 9.38 28.78 -12.53
N GLY B 185 10.08 28.13 -11.59
CA GLY B 185 9.47 27.75 -10.33
C GLY B 185 9.15 26.26 -10.33
N TYR B 186 9.63 25.56 -11.35
CA TYR B 186 9.42 24.13 -11.48
C TYR B 186 10.47 23.53 -12.42
N ALA B 187 10.49 22.19 -12.53
CA ALA B 187 11.45 21.52 -13.40
C ALA B 187 10.78 20.67 -14.47
N VAL B 188 11.59 20.18 -15.39
CA VAL B 188 11.11 19.32 -16.47
C VAL B 188 12.15 18.25 -16.75
N ASP B 189 11.70 17.00 -16.89
CA ASP B 189 12.60 15.90 -17.18
C ASP B 189 12.42 15.45 -18.61
N ASN B 190 13.18 16.04 -19.52
CA ASN B 190 13.08 15.67 -20.91
C ASN B 190 13.84 14.36 -21.09
N GLU B 191 13.22 13.26 -20.69
CA GLU B 191 13.82 11.94 -20.80
C GLU B 191 15.21 11.86 -20.20
N GLU B 192 15.43 12.64 -19.15
CA GLU B 192 16.71 12.68 -18.45
C GLU B 192 16.82 11.54 -17.44
N ASN B 193 15.69 11.08 -16.91
CA ASN B 193 15.72 9.98 -15.95
C ASN B 193 15.45 8.68 -16.69
N GLU B 194 14.28 8.58 -17.31
CA GLU B 194 13.93 7.39 -18.07
C GLU B 194 13.47 7.73 -19.48
N ILE B 195 14.00 7.01 -20.45
CA ILE B 195 13.64 7.23 -21.85
C ILE B 195 12.18 6.82 -22.11
N GLY B 196 11.46 7.68 -22.82
CA GLY B 196 10.07 7.41 -23.11
C GLY B 196 9.19 8.17 -22.13
N ILE B 197 9.77 8.52 -20.98
CA ILE B 197 9.08 9.25 -19.91
C ILE B 197 9.58 10.68 -19.69
N MET B 198 8.65 11.62 -19.50
CA MET B 198 8.99 13.01 -19.20
C MET B 198 8.18 13.38 -17.97
N CYS B 199 8.61 14.38 -17.21
CA CYS B 199 7.89 14.77 -16.01
C CYS B 199 7.92 16.28 -15.80
N VAL B 200 7.12 16.75 -14.85
CA VAL B 200 7.08 18.15 -14.48
C VAL B 200 7.01 18.13 -12.97
N GLY B 201 7.88 18.91 -12.30
CA GLY B 201 7.88 18.90 -10.86
C GLY B 201 8.01 20.25 -10.19
N VAL B 202 7.50 20.32 -8.96
CA VAL B 202 7.52 21.52 -8.14
C VAL B 202 7.88 21.09 -6.71
N PRO B 203 8.56 21.96 -5.94
CA PRO B 203 8.96 21.63 -4.55
C PRO B 203 7.86 21.81 -3.52
N ILE B 204 8.17 21.41 -2.30
CA ILE B 204 7.26 21.53 -1.15
C ILE B 204 8.14 22.01 0.00
N PHE B 205 7.89 23.22 0.49
CA PHE B 205 8.69 23.76 1.58
C PHE B 205 8.10 23.53 2.97
N ASP B 206 8.98 23.56 3.98
CA ASP B 206 8.58 23.34 5.36
C ASP B 206 8.61 24.62 6.19
N HIS B 207 8.86 24.46 7.48
CA HIS B 207 8.93 25.58 8.41
C HIS B 207 9.79 26.71 7.87
N ASN B 208 11.10 26.48 7.85
CA ASN B 208 12.08 27.44 7.39
C ASN B 208 12.30 27.40 5.88
N GLY B 209 11.23 27.11 5.15
CA GLY B 209 11.31 27.05 3.69
C GLY B 209 12.46 26.24 3.11
N TYR B 210 12.60 24.99 3.55
CA TYR B 210 13.65 24.12 3.04
C TYR B 210 12.93 23.13 2.09
N PRO B 211 13.62 22.65 1.05
CA PRO B 211 12.99 21.71 0.11
C PRO B 211 12.97 20.28 0.67
N VAL B 212 11.90 19.95 1.39
CA VAL B 212 11.76 18.63 1.99
C VAL B 212 10.99 17.63 1.14
N ALA B 213 10.42 18.08 0.03
CA ALA B 213 9.66 17.16 -0.81
C ALA B 213 9.57 17.54 -2.27
N GLY B 214 9.10 16.60 -3.07
CA GLY B 214 8.96 16.84 -4.48
C GLY B 214 7.70 16.16 -4.98
N VAL B 215 6.90 16.90 -5.74
CA VAL B 215 5.66 16.39 -6.32
C VAL B 215 5.85 16.54 -7.82
N SER B 216 5.43 15.54 -8.58
CA SER B 216 5.58 15.65 -10.02
C SER B 216 4.53 14.84 -10.77
N ILE B 217 4.35 15.20 -12.04
CA ILE B 217 3.40 14.50 -12.90
C ILE B 217 4.27 13.71 -13.84
N SER B 218 3.90 12.45 -14.08
CA SER B 218 4.72 11.63 -14.94
C SER B 218 3.93 10.91 -16.02
N GLY B 219 4.50 10.82 -17.21
CA GLY B 219 3.81 10.15 -18.28
C GLY B 219 4.70 9.96 -19.50
N VAL B 220 4.13 9.42 -20.57
CA VAL B 220 4.91 9.23 -21.76
C VAL B 220 5.25 10.59 -22.38
N ALA B 221 6.43 10.65 -23.00
CA ALA B 221 6.95 11.86 -23.62
C ALA B 221 5.96 12.57 -24.53
N ARG B 222 5.29 11.80 -25.39
CA ARG B 222 4.33 12.36 -26.34
C ARG B 222 3.41 13.43 -25.76
N LYS B 223 2.86 13.17 -24.57
CA LYS B 223 1.94 14.10 -23.94
C LYS B 223 2.47 15.47 -23.52
N PHE B 224 3.73 15.53 -23.09
CA PHE B 224 4.28 16.79 -22.61
C PHE B 224 4.62 17.84 -23.67
N THR B 225 3.61 18.59 -24.08
CA THR B 225 3.75 19.66 -25.07
C THR B 225 3.96 20.95 -24.29
N GLU B 226 4.31 22.02 -24.98
CA GLU B 226 4.54 23.32 -24.36
C GLU B 226 3.35 23.68 -23.47
N GLU B 227 2.14 23.56 -24.03
CA GLU B 227 0.92 23.87 -23.31
C GLU B 227 0.61 22.83 -22.25
N LYS B 228 0.82 21.55 -22.56
CA LYS B 228 0.56 20.53 -21.58
C LYS B 228 1.44 20.85 -20.37
N ILE B 229 2.74 20.98 -20.61
CA ILE B 229 3.67 21.32 -19.55
C ILE B 229 3.13 22.46 -18.69
N GLU B 230 2.78 23.56 -19.34
CA GLU B 230 2.22 24.74 -18.66
C GLU B 230 1.03 24.35 -17.78
N GLU B 231 0.22 23.45 -18.29
CA GLU B 231 -0.97 22.98 -17.59
C GLU B 231 -0.62 22.12 -16.38
N TYR B 232 0.32 21.20 -16.56
CA TYR B 232 0.73 20.33 -15.47
C TYR B 232 1.41 21.14 -14.36
N SER B 233 2.44 21.90 -14.71
CA SER B 233 3.13 22.72 -13.72
C SER B 233 2.17 23.67 -13.01
N ASP B 234 1.03 23.93 -13.63
CA ASP B 234 0.02 24.82 -13.07
C ASP B 234 -0.66 24.13 -11.89
N VAL B 235 -1.26 22.97 -12.14
CA VAL B 235 -1.96 22.23 -11.10
C VAL B 235 -0.95 21.81 -10.04
N LEU B 236 0.26 21.50 -10.49
CA LEU B 236 1.33 21.08 -9.61
C LEU B 236 1.62 22.17 -8.59
N LYS B 237 1.98 23.35 -9.08
CA LYS B 237 2.29 24.47 -8.19
C LYS B 237 1.11 24.81 -7.31
N GLU B 238 -0.11 24.64 -7.82
CA GLU B 238 -1.30 24.94 -7.04
C GLU B 238 -1.37 24.07 -5.78
N LYS B 239 -1.17 22.76 -5.94
CA LYS B 239 -1.21 21.85 -4.82
C LYS B 239 0.04 22.06 -3.99
N ALA B 240 1.17 22.28 -4.65
CA ALA B 240 2.41 22.50 -3.93
C ALA B 240 2.19 23.58 -2.87
N GLU B 241 1.80 24.77 -3.32
CA GLU B 241 1.56 25.88 -2.42
C GLU B 241 0.65 25.49 -1.25
N GLU B 242 -0.45 24.80 -1.56
CA GLU B 242 -1.39 24.39 -0.53
C GLU B 242 -0.76 23.44 0.49
N ILE B 243 -0.02 22.45 -0.01
CA ILE B 243 0.65 21.46 0.82
C ILE B 243 1.73 22.13 1.65
N SER B 244 2.60 22.88 0.97
CA SER B 244 3.69 23.58 1.64
C SER B 244 3.16 24.34 2.85
N ARG B 245 2.02 24.99 2.66
CA ARG B 245 1.40 25.74 3.76
C ARG B 245 1.30 24.88 5.00
N LYS B 246 0.64 23.73 4.88
CA LYS B 246 0.48 22.80 5.99
C LYS B 246 1.82 22.53 6.69
N LEU B 247 2.90 22.50 5.91
CA LEU B 247 4.24 22.27 6.47
C LEU B 247 4.75 23.51 7.19
N GLY B 248 3.82 24.36 7.61
CA GLY B 248 4.18 25.56 8.32
C GLY B 248 5.00 26.53 7.49
N TYR B 249 4.57 26.76 6.25
CA TYR B 249 5.29 27.68 5.39
C TYR B 249 4.34 28.73 4.83
ZN ZN C . -26.38 -9.04 -2.62
C FMT D . 3.04 -0.35 2.22
O1 FMT D . 3.39 -1.10 3.15
O2 FMT D . 1.84 -0.07 1.97
ZN ZN E . 9.78 12.68 -12.44
#